data_3SJZ
#
_entry.id   3SJZ
#
_cell.length_a   94.750
_cell.length_b   94.750
_cell.length_c   165.370
_cell.angle_alpha   90.00
_cell.angle_beta   90.00
_cell.angle_gamma   120.00
#
_symmetry.space_group_name_H-M   'P 31 2 1'
#
loop_
_entity.id
_entity.type
_entity.pdbx_description
1 polymer 'Translation initiation factor 2 subunit gamma'
2 non-polymer "GUANOSINE-5'-DIPHOSPHATE"
3 non-polymer 'PHOSPHOAMINOPHOSPHONIC ACID-GUANYLATE ESTER'
4 non-polymer BETA-MERCAPTOETHANOL
5 water water
#
_entity_poly.entity_id   1
_entity_poly.type   'polypeptide(L)'
_entity_poly.pdbx_seq_one_letter_code
;AWPKVQPEVNIGVVGHVDHGKTTLVQAITGIWTSKHSEETIKLGYAETNIGVCESCKKPEAYVTEPSCKSCGSDDEPKFL
RRISFIDAPGHEVLMATMLSGAALMDGAILVVAANEPFPQPQTREHFVALGIIGVKNLIIVQNKVDVVSKEEALSQYRQI
KQFTKGTWAENVPIIPVSALHKINIDSLIEGIEEYIKTPYRDLSQKPVMLVIRSFDVNKPGTQFNELKGGVIGGSIIQGL
FKVDQEIKVLPGLRVEKQGKVSYEPIFTKISSIRFGDEEFKEAKPGGLVAIGTYLDPSLTKADNLLGSIITLADAEVPVL
WNIRIKYNLLERVVGAKEMLKVDPIRAKETLMLSVGSSTTLGIVTSVKKDEIEVELRRPVAVWSNNIRTVISRQIAGRWR
MIGWGLVEI
;
_entity_poly.pdbx_strand_id   A
#
# COMPACT_ATOMS: atom_id res chain seq x y z
N ALA A 1 18.41 24.71 -4.65
CA ALA A 1 17.15 24.11 -5.08
C ALA A 1 17.04 22.66 -4.65
N TRP A 2 15.80 22.21 -4.54
CA TRP A 2 15.49 20.82 -4.26
C TRP A 2 15.31 20.05 -5.58
N PRO A 3 15.82 18.81 -5.64
CA PRO A 3 15.72 18.02 -6.86
C PRO A 3 14.32 17.48 -7.05
N LYS A 4 13.91 17.34 -8.30
CA LYS A 4 12.65 16.71 -8.59
C LYS A 4 12.96 15.22 -8.76
N VAL A 5 12.52 14.44 -7.78
CA VAL A 5 12.88 13.04 -7.68
C VAL A 5 11.60 12.30 -7.29
N GLN A 6 11.51 11.02 -7.60
CA GLN A 6 10.34 10.23 -7.24
C GLN A 6 10.33 9.95 -5.75
N PRO A 7 9.16 9.62 -5.21
CA PRO A 7 8.97 9.24 -3.81
C PRO A 7 9.75 7.97 -3.54
N GLU A 8 10.47 7.91 -2.43
CA GLU A 8 11.26 6.72 -2.13
C GLU A 8 10.64 5.77 -1.12
N VAL A 9 9.47 6.09 -0.58
CA VAL A 9 8.84 5.19 0.38
C VAL A 9 7.34 5.41 0.37
N ASN A 10 6.56 4.37 0.64
CA ASN A 10 5.12 4.55 0.79
C ASN A 10 4.76 4.40 2.22
N ILE A 11 3.88 5.27 2.70
CA ILE A 11 3.40 5.17 4.05
C ILE A 11 1.91 5.13 3.95
N GLY A 12 1.32 4.08 4.46
CA GLY A 12 -0.13 4.01 4.46
C GLY A 12 -0.68 4.69 5.69
N VAL A 13 -1.77 5.41 5.50
CA VAL A 13 -2.45 6.04 6.61
C VAL A 13 -3.76 5.28 6.75
N VAL A 14 -3.97 4.69 7.92
CA VAL A 14 -5.17 3.94 8.14
C VAL A 14 -5.71 4.21 9.53
N GLY A 15 -7.02 4.03 9.69
CA GLY A 15 -7.61 4.04 11.00
C GLY A 15 -9.10 4.10 10.87
N HIS A 16 -9.81 3.94 11.98
CA HIS A 16 -11.25 3.92 11.94
C HIS A 16 -11.72 5.10 11.10
N VAL A 17 -12.65 4.86 10.18
CA VAL A 17 -13.12 5.91 9.28
C VAL A 17 -13.71 7.08 10.06
N ASP A 18 -13.48 8.30 9.59
CA ASP A 18 -13.91 9.53 10.29
C ASP A 18 -12.93 9.99 11.36
N HIS A 19 -11.90 9.18 11.59
CA HIS A 19 -10.90 9.49 12.61
C HIS A 19 -9.88 10.52 12.13
N GLY A 20 -9.93 10.88 10.85
CA GLY A 20 -9.08 11.91 10.30
C GLY A 20 -7.96 11.57 9.34
N LYS A 21 -7.91 10.33 8.85
CA LYS A 21 -6.92 9.92 7.85
C LYS A 21 -6.75 10.97 6.73
N THR A 22 -7.81 11.20 5.97
CA THR A 22 -7.72 12.09 4.82
C THR A 22 -7.24 13.47 5.20
N THR A 23 -7.73 13.99 6.33
CA THR A 23 -7.34 15.33 6.74
C THR A 23 -5.86 15.36 7.10
N LEU A 24 -5.41 14.34 7.85
CA LEU A 24 -4.02 14.25 8.25
C LEU A 24 -3.06 14.27 7.06
N VAL A 25 -3.41 13.58 5.99
CA VAL A 25 -2.49 13.52 4.86
C VAL A 25 -2.40 14.89 4.26
N GLN A 26 -3.47 15.63 4.38
CA GLN A 26 -3.55 16.95 3.77
C GLN A 26 -2.72 17.94 4.57
N ALA A 27 -2.85 17.87 5.90
CA ALA A 27 -2.01 18.63 6.81
C ALA A 27 -0.52 18.51 6.44
N ILE A 28 -0.09 17.29 6.15
CA ILE A 28 1.32 17.02 5.80
C ILE A 28 1.68 17.38 4.36
N THR A 29 0.91 16.91 3.41
CA THR A 29 1.27 17.11 2.01
C THR A 29 0.83 18.44 1.42
N GLY A 30 -0.35 18.91 1.83
CA GLY A 30 -0.99 20.03 1.17
C GLY A 30 -1.97 19.58 0.09
N ILE A 31 -2.26 18.28 0.04
CA ILE A 31 -3.16 17.71 -0.97
C ILE A 31 -4.33 16.99 -0.31
N TRP A 32 -5.51 17.05 -0.94
CA TRP A 32 -6.70 16.34 -0.44
C TRP A 32 -6.97 15.11 -1.31
N THR A 33 -6.95 13.93 -0.67
CA THR A 33 -6.87 12.65 -1.39
C THR A 33 -8.17 12.14 -2.01
N SER A 34 -9.31 12.38 -1.37
CA SER A 34 -10.58 12.04 -2.00
C SER A 34 -11.43 13.28 -2.30
N LYS A 35 -11.44 13.68 -3.57
CA LYS A 35 -10.60 13.05 -4.59
C LYS A 35 -9.52 14.03 -5.08
N HIS A 36 -8.63 13.55 -5.95
CA HIS A 36 -7.50 14.34 -6.47
C HIS A 36 -7.27 14.16 -7.97
N SER A 37 -6.56 15.10 -8.59
CA SER A 37 -6.36 15.01 -10.04
C SER A 37 -5.13 15.71 -10.60
N GLU A 38 -4.76 15.36 -11.82
CA GLU A 38 -5.24 14.14 -12.47
C GLU A 38 -4.35 13.79 -13.66
N GLU A 39 -3.94 12.53 -13.82
CA GLU A 39 -4.10 11.49 -12.81
C GLU A 39 -5.39 10.69 -12.85
N THR A 40 -5.02 9.67 -12.19
CA THR A 40 -6.13 8.81 -11.83
C THR A 40 -5.77 7.95 -10.61
N ILE A 41 -4.98 6.91 -10.83
CA ILE A 41 -4.43 6.02 -9.79
C ILE A 41 -5.22 5.73 -8.50
N LYS A 42 -6.44 6.24 -8.39
CA LYS A 42 -7.33 5.98 -7.25
C LYS A 42 -6.79 6.10 -5.80
N LEU A 43 -7.37 5.28 -4.92
CA LEU A 43 -7.12 5.31 -3.48
C LEU A 43 -7.13 6.73 -2.95
N GLY A 44 -6.42 6.98 -1.86
CA GLY A 44 -5.91 8.31 -1.63
C GLY A 44 -4.46 8.18 -1.96
N TYR A 45 -3.87 9.17 -2.60
CA TYR A 45 -2.45 9.13 -2.80
C TYR A 45 -1.93 10.55 -2.84
N ALA A 46 -0.92 10.84 -2.05
CA ALA A 46 -0.36 12.18 -2.07
C ALA A 46 1.10 12.10 -1.76
N GLU A 47 1.86 12.96 -2.41
CA GLU A 47 3.31 13.00 -2.18
C GLU A 47 3.71 14.32 -1.55
N THR A 48 4.83 14.32 -0.85
CA THR A 48 5.44 15.53 -0.39
C THR A 48 6.95 15.34 -0.29
N ASN A 49 7.70 16.43 -0.48
CA ASN A 49 9.11 16.43 -0.15
C ASN A 49 9.25 16.57 1.36
N ILE A 50 10.37 16.11 1.91
CA ILE A 50 10.64 16.29 3.31
C ILE A 50 12.06 16.80 3.45
N GLY A 51 12.24 17.81 4.30
CA GLY A 51 13.48 18.56 4.37
C GLY A 51 13.74 18.99 5.79
N VAL A 52 14.96 19.40 6.08
CA VAL A 52 15.31 19.82 7.42
C VAL A 52 16.05 21.14 7.39
N CYS A 53 15.80 21.95 8.41
CA CYS A 53 16.47 23.23 8.55
C CYS A 53 17.58 23.02 9.56
N GLU A 54 18.82 23.15 9.09
CA GLU A 54 19.97 22.72 9.87
C GLU A 54 20.24 23.67 11.03
N SER A 55 20.10 24.97 10.76
CA SER A 55 20.33 25.96 11.79
C SER A 55 19.33 25.80 12.93
N CYS A 56 18.07 25.56 12.56
CA CYS A 56 16.93 25.62 13.47
C CYS A 56 16.74 24.39 14.36
N LYS A 57 15.74 24.46 15.23
CA LYS A 57 15.51 23.48 16.27
C LYS A 57 14.53 22.40 15.82
N LYS A 58 14.76 21.16 16.25
CA LYS A 58 13.80 20.10 15.94
C LYS A 58 12.81 20.06 17.09
N PRO A 59 11.54 19.68 16.80
CA PRO A 59 10.92 19.27 15.55
C PRO A 59 10.66 20.38 14.56
N GLU A 60 10.60 21.61 15.03
CA GLU A 60 10.16 22.72 14.17
C GLU A 60 11.00 22.85 12.91
N ALA A 61 12.22 22.36 12.97
CA ALA A 61 13.17 22.41 11.86
C ALA A 61 12.68 21.66 10.63
N TYR A 62 11.90 20.61 10.83
CA TYR A 62 11.38 19.80 9.72
C TYR A 62 10.40 20.57 8.87
N VAL A 63 10.46 20.37 7.56
CA VAL A 63 9.67 21.15 6.63
C VAL A 63 9.30 20.36 5.38
N THR A 64 8.10 20.57 4.86
CA THR A 64 7.65 19.90 3.65
C THR A 64 7.81 20.77 2.42
N GLU A 65 8.41 21.94 2.58
CA GLU A 65 8.78 22.75 1.43
C GLU A 65 10.12 23.45 1.65
N PRO A 66 10.74 23.99 0.57
CA PRO A 66 12.11 24.50 0.61
C PRO A 66 12.27 25.92 1.13
N SER A 67 11.82 26.16 2.37
CA SER A 67 12.04 27.44 3.04
C SER A 67 12.29 27.19 4.51
N CYS A 68 13.30 27.86 5.06
CA CYS A 68 13.56 27.82 6.49
C CYS A 68 13.03 29.04 7.23
N LYS A 69 12.31 29.90 6.51
CA LYS A 69 11.86 31.16 7.09
C LYS A 69 11.19 31.00 8.45
N SER A 70 10.35 29.98 8.59
CA SER A 70 9.65 29.73 9.83
C SER A 70 10.57 29.65 11.05
N CYS A 71 11.82 29.23 10.87
CA CYS A 71 12.78 29.30 11.96
C CYS A 71 13.79 30.46 11.88
N GLY A 72 13.66 31.30 10.86
CA GLY A 72 14.43 32.53 10.80
C GLY A 72 15.55 32.65 9.79
N SER A 73 15.74 31.62 8.96
CA SER A 73 16.79 31.62 7.94
C SER A 73 16.19 31.93 6.60
N ASP A 74 16.96 32.59 5.75
CA ASP A 74 16.56 32.72 4.36
C ASP A 74 17.28 31.61 3.60
N ASP A 75 17.99 30.80 4.38
CA ASP A 75 18.71 29.61 3.92
C ASP A 75 17.78 28.54 3.37
N GLU A 76 18.26 27.78 2.40
CA GLU A 76 17.51 26.62 1.92
C GLU A 76 17.76 25.39 2.79
N PRO A 77 16.67 24.73 3.23
CA PRO A 77 16.87 23.59 4.13
C PRO A 77 17.43 22.39 3.38
N LYS A 78 17.98 21.43 4.12
CA LYS A 78 18.49 20.22 3.51
C LYS A 78 17.35 19.35 3.01
N PHE A 79 17.47 18.84 1.79
CA PHE A 79 16.49 17.87 1.30
C PHE A 79 16.78 16.51 1.88
N LEU A 80 15.74 15.87 2.40
CA LEU A 80 15.87 14.56 3.01
C LEU A 80 15.42 13.43 2.07
N ARG A 81 14.18 13.51 1.63
CA ARG A 81 13.62 12.52 0.72
C ARG A 81 12.24 12.97 0.34
N ARG A 82 11.69 12.34 -0.67
CA ARG A 82 10.31 12.57 -1.04
C ARG A 82 9.56 11.34 -0.60
N ILE A 83 8.39 11.52 0.00
CA ILE A 83 7.67 10.39 0.49
C ILE A 83 6.26 10.42 -0.08
N SER A 84 5.54 9.31 0.00
CA SER A 84 4.18 9.30 -0.50
C SER A 84 3.27 8.66 0.53
N PHE A 85 2.00 9.02 0.49
CA PHE A 85 1.02 8.48 1.42
C PHE A 85 -0.06 7.81 0.65
N ILE A 86 -0.52 6.68 1.16
CA ILE A 86 -1.61 5.93 0.57
C ILE A 86 -2.59 5.70 1.69
N ASP A 87 -3.83 6.17 1.52
CA ASP A 87 -4.87 5.92 2.49
C ASP A 87 -6.15 5.51 1.78
N ALA A 88 -6.82 4.48 2.30
CA ALA A 88 -8.08 4.05 1.70
C ALA A 88 -9.24 4.73 2.41
N PRO A 89 -9.85 5.73 1.76
CA PRO A 89 -10.90 6.58 2.33
C PRO A 89 -12.29 5.93 2.30
N GLY A 90 -13.17 6.35 3.21
CA GLY A 90 -14.56 5.92 3.16
C GLY A 90 -14.83 4.47 3.56
N HIS A 91 -15.67 3.80 2.77
CA HIS A 91 -16.19 2.47 3.10
C HIS A 91 -15.07 1.49 3.47
N GLU A 92 -15.19 0.85 4.63
CA GLU A 92 -14.24 -0.17 5.05
C GLU A 92 -14.84 -1.59 4.99
N VAL A 93 -14.05 -2.59 5.38
CA VAL A 93 -14.42 -4.00 5.25
C VAL A 93 -14.54 -4.37 3.77
N LEU A 94 -14.38 -3.35 2.92
CA LEU A 94 -14.44 -3.51 1.47
C LEU A 94 -13.07 -3.83 0.90
N MET A 95 -12.09 -4.06 1.76
CA MET A 95 -10.71 -4.06 1.31
C MET A 95 -10.23 -5.43 0.85
N ALA A 96 -10.16 -5.58 -0.47
CA ALA A 96 -9.18 -6.41 -1.14
C ALA A 96 -8.16 -5.37 -1.58
N THR A 97 -8.51 -4.11 -1.32
CA THR A 97 -7.65 -2.95 -1.56
C THR A 97 -6.68 -2.70 -0.43
N MET A 98 -7.07 -3.09 0.79
CA MET A 98 -6.15 -3.01 1.93
C MET A 98 -5.03 -4.01 1.72
N LEU A 99 -5.32 -5.05 0.92
CA LEU A 99 -4.34 -6.06 0.57
C LEU A 99 -3.42 -5.58 -0.57
N SER A 100 -3.99 -4.91 -1.56
CA SER A 100 -3.19 -4.26 -2.60
C SER A 100 -2.24 -3.27 -1.95
N GLY A 101 -2.83 -2.23 -1.37
CA GLY A 101 -2.10 -1.21 -0.64
C GLY A 101 -1.19 -1.80 0.43
N ALA A 102 -1.61 -2.92 1.01
CA ALA A 102 -0.78 -3.64 1.97
C ALA A 102 0.64 -3.86 1.44
N ALA A 103 0.77 -4.35 0.21
CA ALA A 103 2.08 -4.75 -0.29
C ALA A 103 2.89 -3.58 -0.84
N LEU A 104 2.24 -2.42 -0.91
CA LEU A 104 2.86 -1.16 -1.27
C LEU A 104 3.56 -0.44 -0.11
N MET A 105 3.05 -0.66 1.10
CA MET A 105 3.48 0.09 2.27
C MET A 105 4.86 -0.30 2.79
N ASP A 106 5.70 0.70 3.03
CA ASP A 106 6.97 0.49 3.69
C ASP A 106 6.86 0.79 5.19
N GLY A 107 5.68 1.27 5.59
CA GLY A 107 5.42 1.62 6.97
C GLY A 107 4.02 2.19 7.04
N ALA A 108 3.45 2.32 8.24
CA ALA A 108 2.10 2.87 8.36
C ALA A 108 1.87 3.84 9.53
N ILE A 109 0.81 4.63 9.38
CA ILE A 109 0.31 5.50 10.43
C ILE A 109 -1.11 5.07 10.77
N LEU A 110 -1.34 4.76 12.03
CA LEU A 110 -2.67 4.40 12.50
C LEU A 110 -3.27 5.58 13.25
N VAL A 111 -4.31 6.16 12.66
CA VAL A 111 -4.95 7.35 13.20
C VAL A 111 -5.97 6.98 14.26
N VAL A 112 -5.79 7.54 15.45
CA VAL A 112 -6.70 7.28 16.56
C VAL A 112 -7.32 8.58 17.07
N ALA A 113 -8.64 8.72 16.93
CA ALA A 113 -9.33 9.92 17.41
C ALA A 113 -9.28 10.02 18.94
N ALA A 114 -8.98 11.22 19.46
CA ALA A 114 -8.77 11.40 20.89
C ALA A 114 -10.07 11.66 21.65
N ASN A 115 -11.12 12.02 20.93
CA ASN A 115 -12.37 12.39 21.56
C ASN A 115 -13.27 11.17 21.59
N GLU A 116 -12.73 10.05 21.10
CA GLU A 116 -13.47 8.81 21.15
C GLU A 116 -12.67 7.68 21.79
N PRO A 117 -13.38 6.79 22.49
CA PRO A 117 -12.78 5.77 23.36
C PRO A 117 -12.03 4.70 22.56
N PHE A 118 -10.88 4.29 23.09
CA PHE A 118 -9.99 3.38 22.36
C PHE A 118 -9.86 2.05 23.09
N PRO A 119 -9.73 0.95 22.33
CA PRO A 119 -9.91 0.85 20.87
C PRO A 119 -11.36 0.85 20.44
N GLN A 120 -11.68 1.51 19.33
CA GLN A 120 -12.96 1.31 18.69
C GLN A 120 -12.83 -0.03 17.99
N PRO A 121 -13.95 -0.59 17.51
CA PRO A 121 -13.84 -1.89 16.83
C PRO A 121 -12.99 -1.85 15.55
N GLN A 122 -13.24 -0.90 14.64
CA GLN A 122 -12.47 -0.82 13.39
C GLN A 122 -11.02 -0.51 13.68
N THR A 123 -10.75 -0.03 14.89
CA THR A 123 -9.39 0.31 15.25
C THR A 123 -8.62 -0.96 15.67
N ARG A 124 -9.29 -1.89 16.35
CA ARG A 124 -8.65 -3.15 16.69
C ARG A 124 -8.37 -3.95 15.42
N GLU A 125 -9.34 -3.98 14.50
CA GLU A 125 -9.17 -4.68 13.23
C GLU A 125 -7.99 -4.17 12.42
N HIS A 126 -7.85 -2.86 12.33
CA HIS A 126 -6.75 -2.30 11.59
C HIS A 126 -5.42 -2.66 12.23
N PHE A 127 -5.43 -2.80 13.55
CA PHE A 127 -4.20 -3.10 14.23
C PHE A 127 -3.78 -4.54 13.98
N VAL A 128 -4.75 -5.43 13.86
CA VAL A 128 -4.43 -6.82 13.52
C VAL A 128 -4.08 -6.91 12.03
N ALA A 129 -4.89 -6.26 11.19
CA ALA A 129 -4.64 -6.24 9.75
C ALA A 129 -3.19 -5.86 9.47
N LEU A 130 -2.65 -4.99 10.30
CA LEU A 130 -1.30 -4.51 10.08
C LEU A 130 -0.27 -5.56 10.39
N GLY A 131 -0.59 -6.42 11.35
CA GLY A 131 0.31 -7.49 11.74
C GLY A 131 0.30 -8.55 10.67
N ILE A 132 -0.90 -8.80 10.15
CA ILE A 132 -1.09 -9.83 9.12
C ILE A 132 -0.32 -9.52 7.84
N ILE A 133 -0.40 -8.27 7.39
CA ILE A 133 0.26 -7.88 6.14
C ILE A 133 1.72 -7.62 6.43
N GLY A 134 2.09 -7.80 7.70
CA GLY A 134 3.47 -7.72 8.12
C GLY A 134 4.18 -6.39 7.93
N VAL A 135 3.45 -5.27 7.93
CA VAL A 135 4.10 -3.96 7.90
C VAL A 135 4.26 -3.47 9.33
N LYS A 136 5.48 -3.50 9.81
CA LYS A 136 5.71 -3.15 11.21
C LYS A 136 6.38 -1.83 11.59
N ASN A 137 6.68 -0.97 10.62
CA ASN A 137 7.16 0.35 10.99
C ASN A 137 5.93 1.20 11.12
N LEU A 138 5.55 1.47 12.36
CA LEU A 138 4.23 1.98 12.63
C LEU A 138 4.33 3.12 13.58
N ILE A 139 3.68 4.23 13.22
CA ILE A 139 3.48 5.32 14.15
C ILE A 139 2.01 5.40 14.45
N ILE A 140 1.67 5.57 15.71
CA ILE A 140 0.29 5.80 16.08
C ILE A 140 0.07 7.28 16.28
N VAL A 141 -0.92 7.83 15.59
CA VAL A 141 -1.18 9.25 15.68
C VAL A 141 -2.44 9.50 16.49
N GLN A 142 -2.33 10.30 17.54
CA GLN A 142 -3.50 10.59 18.32
C GLN A 142 -4.07 11.91 17.77
N ASN A 143 -5.10 11.79 16.94
CA ASN A 143 -5.71 12.93 16.29
C ASN A 143 -6.80 13.63 17.09
N LYS A 144 -7.03 14.89 16.77
CA LYS A 144 -8.05 15.69 17.42
C LYS A 144 -7.76 15.98 18.88
N VAL A 145 -6.48 16.05 19.28
CA VAL A 145 -6.14 16.36 20.68
C VAL A 145 -6.65 17.74 21.06
N ASP A 146 -7.04 18.51 20.04
CA ASP A 146 -7.48 19.88 20.26
C ASP A 146 -8.90 19.93 20.87
N VAL A 147 -9.64 18.84 20.78
CA VAL A 147 -11.00 18.83 21.30
C VAL A 147 -11.06 18.32 22.73
N VAL A 148 -9.92 17.94 23.30
CA VAL A 148 -9.89 17.40 24.65
C VAL A 148 -8.67 17.89 25.43
N SER A 149 -8.78 17.84 26.76
CA SER A 149 -7.75 18.36 27.65
C SER A 149 -6.47 17.55 27.59
N LYS A 150 -5.36 18.16 27.99
CA LYS A 150 -4.11 17.43 28.03
C LYS A 150 -4.37 16.13 28.77
N GLU A 151 -5.28 16.20 29.73
CA GLU A 151 -5.54 15.09 30.62
C GLU A 151 -6.35 13.99 29.98
N GLU A 152 -7.44 14.34 29.30
CA GLU A 152 -8.19 13.27 28.63
C GLU A 152 -7.28 12.57 27.64
N ALA A 153 -6.38 13.34 27.03
CA ALA A 153 -5.43 12.83 26.05
C ALA A 153 -4.43 11.86 26.68
N LEU A 154 -3.74 12.29 27.75
CA LEU A 154 -2.82 11.36 28.42
C LEU A 154 -3.51 10.08 28.84
N SER A 155 -4.74 10.19 29.31
CA SER A 155 -5.50 9.00 29.62
C SER A 155 -5.52 8.01 28.44
N GLN A 156 -5.82 8.49 27.24
CA GLN A 156 -5.90 7.61 26.07
C GLN A 156 -4.52 7.10 25.71
N TYR A 157 -3.51 7.93 25.92
CA TYR A 157 -2.13 7.50 25.73
C TYR A 157 -1.90 6.26 26.58
N ARG A 158 -2.27 6.36 27.86
CA ARG A 158 -2.20 5.25 28.79
C ARG A 158 -2.82 4.00 28.17
N GLN A 159 -4.08 4.12 27.76
CA GLN A 159 -4.84 3.00 27.21
C GLN A 159 -4.18 2.37 25.99
N ILE A 160 -3.64 3.21 25.13
CA ILE A 160 -3.00 2.73 23.91
C ILE A 160 -1.69 2.03 24.24
N LYS A 161 -0.87 2.70 25.05
CA LYS A 161 0.42 2.16 25.41
C LYS A 161 0.20 0.79 26.06
N GLN A 162 -0.86 0.69 26.84
CA GLN A 162 -1.19 -0.53 27.55
C GLN A 162 -1.64 -1.61 26.58
N PHE A 163 -2.50 -1.23 25.65
CA PHE A 163 -3.03 -2.15 24.64
C PHE A 163 -1.96 -2.70 23.68
N THR A 164 -0.82 -2.01 23.55
CA THR A 164 0.28 -2.53 22.75
C THR A 164 1.35 -3.21 23.60
N LYS A 165 1.15 -3.21 24.92
CA LYS A 165 2.09 -3.87 25.81
C LYS A 165 2.09 -5.35 25.51
N GLY A 166 3.28 -5.92 25.37
CA GLY A 166 3.43 -7.34 25.13
C GLY A 166 3.36 -7.67 23.66
N THR A 167 2.73 -6.78 22.90
CA THR A 167 2.59 -6.94 21.45
C THR A 167 3.86 -6.56 20.71
N TRP A 168 3.82 -6.68 19.39
CA TRP A 168 4.96 -6.30 18.58
C TRP A 168 5.06 -4.80 18.50
N ALA A 169 3.96 -4.12 18.84
CA ALA A 169 3.86 -2.66 18.80
C ALA A 169 4.17 -2.01 20.15
N GLU A 170 4.63 -2.80 21.12
CA GLU A 170 4.89 -2.28 22.44
C GLU A 170 5.66 -0.97 22.40
N ASN A 171 6.67 -0.89 21.54
CA ASN A 171 7.48 0.33 21.43
C ASN A 171 7.14 1.34 20.33
N VAL A 172 6.06 1.10 19.62
CA VAL A 172 5.54 2.04 18.62
C VAL A 172 5.22 3.37 19.27
N PRO A 173 5.76 4.47 18.71
CA PRO A 173 5.60 5.81 19.26
C PRO A 173 4.20 6.35 19.04
N ILE A 174 3.71 7.13 20.01
CA ILE A 174 2.42 7.78 19.88
C ILE A 174 2.55 9.30 19.77
N ILE A 175 2.05 9.86 18.68
CA ILE A 175 2.21 11.28 18.41
C ILE A 175 0.88 12.03 18.34
N PRO A 176 0.68 12.96 19.26
CA PRO A 176 -0.55 13.78 19.30
C PRO A 176 -0.50 14.87 18.24
N VAL A 177 -1.61 15.12 17.58
CA VAL A 177 -1.68 16.19 16.61
C VAL A 177 -3.09 16.70 16.48
N SER A 178 -3.21 17.83 15.81
CA SER A 178 -4.48 18.16 15.22
C SER A 178 -4.31 18.29 13.72
N ALA A 179 -4.90 17.37 12.97
CA ALA A 179 -4.82 17.43 11.53
C ALA A 179 -5.64 18.59 10.99
N LEU A 180 -6.80 18.82 11.60
CA LEU A 180 -7.70 19.82 11.08
C LEU A 180 -7.18 21.25 11.28
N HIS A 181 -6.68 21.55 12.47
CA HIS A 181 -6.13 22.87 12.78
C HIS A 181 -4.61 22.94 12.68
N LYS A 182 -4.00 21.84 12.22
CA LYS A 182 -2.56 21.78 12.07
C LYS A 182 -1.83 22.15 13.35
N ILE A 183 -1.89 21.25 14.32
CA ILE A 183 -1.09 21.38 15.52
C ILE A 183 -0.12 20.24 15.69
N ASN A 184 1.14 20.58 15.96
CA ASN A 184 2.18 19.59 16.19
C ASN A 184 2.46 18.71 15.01
N ILE A 185 2.11 19.18 13.82
CA ILE A 185 2.33 18.39 12.62
C ILE A 185 3.81 18.13 12.43
N ASP A 186 4.67 18.92 13.06
CA ASP A 186 6.11 18.77 12.88
C ASP A 186 6.69 17.63 13.71
N SER A 187 6.17 17.46 14.91
CA SER A 187 6.52 16.31 15.73
C SER A 187 6.32 15.05 14.89
N LEU A 188 5.26 15.03 14.08
CA LEU A 188 4.90 13.88 13.27
C LEU A 188 5.91 13.67 12.15
N ILE A 189 6.22 14.74 11.43
CA ILE A 189 7.21 14.64 10.39
C ILE A 189 8.53 14.14 10.97
N GLU A 190 8.90 14.63 12.15
CA GLU A 190 10.10 14.12 12.81
C GLU A 190 9.97 12.61 13.01
N GLY A 191 8.86 12.20 13.59
CA GLY A 191 8.60 10.80 13.85
C GLY A 191 8.67 9.95 12.59
N ILE A 192 8.12 10.45 11.50
CA ILE A 192 8.18 9.71 10.26
C ILE A 192 9.64 9.45 9.89
N GLU A 193 10.50 10.45 10.06
CA GLU A 193 11.90 10.27 9.72
C GLU A 193 12.56 9.27 10.66
N GLU A 194 12.14 9.29 11.91
CA GLU A 194 12.80 8.49 12.92
C GLU A 194 12.33 7.05 12.82
N TYR A 195 11.01 6.90 12.75
CA TYR A 195 10.37 5.61 12.82
C TYR A 195 9.99 4.92 11.50
N ILE A 196 10.06 5.64 10.37
CA ILE A 196 9.90 4.96 9.11
C ILE A 196 10.99 5.34 8.14
N LYS A 197 12.03 4.52 8.15
CA LYS A 197 13.19 4.78 7.33
C LYS A 197 12.92 4.17 5.99
N THR A 198 13.47 4.79 4.95
CA THR A 198 13.45 4.17 3.65
C THR A 198 14.26 2.88 3.78
N PRO A 199 13.65 1.75 3.43
CA PRO A 199 14.19 0.39 3.50
C PRO A 199 15.40 0.20 2.59
N TYR A 200 16.22 -0.81 2.86
CA TYR A 200 17.33 -1.11 1.96
C TYR A 200 16.75 -1.48 0.59
N ARG A 201 17.29 -0.89 -0.47
CA ARG A 201 16.92 -1.30 -1.80
C ARG A 201 18.10 -2.02 -2.40
N ASP A 202 17.83 -3.13 -3.08
CA ASP A 202 18.83 -3.84 -3.84
C ASP A 202 18.44 -3.70 -5.29
N LEU A 203 19.15 -2.89 -6.06
CA LEU A 203 18.71 -2.56 -7.42
C LEU A 203 19.06 -3.61 -8.45
N SER A 204 19.83 -4.61 -8.02
CA SER A 204 20.22 -5.70 -8.90
C SER A 204 19.08 -6.72 -9.01
N GLN A 205 18.17 -6.72 -8.04
CA GLN A 205 17.10 -7.69 -8.01
C GLN A 205 16.25 -7.52 -9.25
N LYS A 206 15.53 -8.58 -9.61
CA LYS A 206 14.77 -8.54 -10.85
C LYS A 206 13.61 -7.57 -10.74
N PRO A 207 13.52 -6.63 -11.69
CA PRO A 207 12.44 -5.67 -11.62
C PRO A 207 11.14 -6.39 -11.41
N VAL A 208 10.32 -5.95 -10.47
CA VAL A 208 8.96 -6.44 -10.36
C VAL A 208 8.07 -5.31 -9.90
N MET A 209 6.89 -5.24 -10.49
CA MET A 209 5.95 -4.19 -10.15
C MET A 209 4.57 -4.80 -10.07
N LEU A 210 3.82 -4.44 -9.02
CA LEU A 210 2.44 -4.88 -8.91
C LEU A 210 1.61 -3.86 -9.63
N VAL A 211 0.66 -4.32 -10.43
CA VAL A 211 -0.21 -3.41 -11.14
C VAL A 211 -1.42 -3.18 -10.27
N ILE A 212 -1.62 -1.95 -9.81
CA ILE A 212 -2.86 -1.61 -9.10
C ILE A 212 -3.92 -0.88 -9.93
N ARG A 213 -3.57 -0.49 -11.16
CA ARG A 213 -4.48 0.22 -12.06
C ARG A 213 -4.06 0.06 -13.52
N SER A 214 -5.02 0.21 -14.42
CA SER A 214 -4.67 0.38 -15.82
C SER A 214 -5.73 1.26 -16.48
N PHE A 215 -5.30 2.13 -17.39
CA PHE A 215 -6.20 3.08 -18.03
C PHE A 215 -6.00 3.02 -19.52
N ASP A 216 -7.02 3.44 -20.24
CA ASP A 216 -6.82 3.94 -21.58
C ASP A 216 -6.88 5.45 -21.42
N VAL A 217 -5.77 6.14 -21.67
CA VAL A 217 -5.73 7.58 -21.38
C VAL A 217 -6.13 8.43 -22.57
N ASN A 218 -6.48 7.78 -23.67
CA ASN A 218 -6.95 8.53 -24.82
C ASN A 218 -8.29 9.17 -24.56
N LYS A 219 -8.35 10.48 -24.77
CA LYS A 219 -9.59 11.21 -24.58
C LYS A 219 -10.47 10.97 -25.80
N PRO A 220 -11.81 11.05 -25.61
CA PRO A 220 -12.72 10.91 -26.74
C PRO A 220 -12.42 12.00 -27.73
N GLY A 221 -12.44 11.65 -29.01
CA GLY A 221 -12.13 12.61 -30.06
C GLY A 221 -10.73 12.43 -30.59
N THR A 222 -9.89 11.77 -29.81
CA THR A 222 -8.50 11.57 -30.20
C THR A 222 -8.40 10.96 -31.59
N GLN A 223 -7.56 11.55 -32.44
CA GLN A 223 -7.37 11.04 -33.79
C GLN A 223 -6.61 9.74 -33.72
N PHE A 224 -6.95 8.80 -34.58
CA PHE A 224 -6.39 7.48 -34.43
C PHE A 224 -4.87 7.51 -34.47
N ASN A 225 -4.31 8.29 -35.40
CA ASN A 225 -2.86 8.28 -35.54
C ASN A 225 -2.17 9.00 -34.39
N GLU A 226 -2.97 9.66 -33.56
CA GLU A 226 -2.44 10.31 -32.37
C GLU A 226 -2.66 9.47 -31.09
N LEU A 227 -3.17 8.26 -31.25
CA LEU A 227 -3.52 7.43 -30.10
C LEU A 227 -2.31 7.04 -29.27
N LYS A 228 -2.55 6.75 -27.99
CA LYS A 228 -1.48 6.39 -27.07
C LYS A 228 -1.61 4.99 -26.52
N GLY A 229 -0.48 4.29 -26.43
CA GLY A 229 -0.51 2.95 -25.86
C GLY A 229 -1.15 2.93 -24.49
N GLY A 230 -1.68 1.78 -24.11
CA GLY A 230 -2.27 1.59 -22.80
C GLY A 230 -1.32 2.03 -21.70
N VAL A 231 -1.87 2.51 -20.59
CA VAL A 231 -1.04 2.84 -19.45
C VAL A 231 -1.34 1.91 -18.30
N ILE A 232 -0.30 1.36 -17.71
CA ILE A 232 -0.44 0.53 -16.53
C ILE A 232 0.14 1.32 -15.42
N GLY A 233 -0.42 1.20 -14.22
CA GLY A 233 0.13 1.95 -13.12
C GLY A 233 0.02 1.13 -11.85
N GLY A 234 0.91 1.39 -10.91
CA GLY A 234 1.06 0.53 -9.77
C GLY A 234 2.35 0.92 -9.09
N SER A 235 2.90 0.03 -8.28
CA SER A 235 4.10 0.37 -7.53
C SER A 235 5.13 -0.72 -7.64
N ILE A 236 6.38 -0.32 -7.75
CA ILE A 236 7.49 -1.22 -7.95
C ILE A 236 7.97 -1.73 -6.60
N ILE A 237 7.94 -3.04 -6.40
CA ILE A 237 8.42 -3.65 -5.16
C ILE A 237 9.91 -3.93 -5.08
N GLN A 238 10.55 -4.17 -6.22
CA GLN A 238 12.00 -4.40 -6.26
C GLN A 238 12.58 -4.16 -7.65
N GLY A 239 13.88 -3.95 -7.70
CA GLY A 239 14.57 -3.71 -8.94
C GLY A 239 14.24 -2.31 -9.42
N LEU A 240 14.57 -2.02 -10.67
CA LEU A 240 14.20 -0.75 -11.26
C LEU A 240 13.77 -0.99 -12.68
N PHE A 241 12.93 -0.12 -13.22
CA PHE A 241 12.57 -0.23 -14.63
C PHE A 241 13.06 0.99 -15.35
N LYS A 242 13.29 0.86 -16.65
CA LYS A 242 13.83 1.94 -17.44
C LYS A 242 12.97 2.11 -18.67
N VAL A 243 12.82 3.34 -19.12
CA VAL A 243 12.10 3.57 -20.35
C VAL A 243 12.70 2.72 -21.44
N ASP A 244 11.85 2.09 -22.24
CA ASP A 244 12.30 1.30 -23.39
C ASP A 244 12.72 -0.15 -23.11
N GLN A 245 12.75 -0.57 -21.85
CA GLN A 245 12.96 -1.98 -21.54
C GLN A 245 11.82 -2.78 -22.11
N GLU A 246 12.06 -4.06 -22.36
CA GLU A 246 10.96 -4.92 -22.75
C GLU A 246 10.45 -5.59 -21.51
N ILE A 247 9.13 -5.68 -21.40
CA ILE A 247 8.50 -6.17 -20.20
C ILE A 247 7.33 -7.06 -20.60
N LYS A 248 6.82 -7.80 -19.64
CA LYS A 248 5.70 -8.67 -19.89
C LYS A 248 4.78 -8.62 -18.68
N VAL A 249 3.50 -8.91 -18.91
CA VAL A 249 2.51 -8.82 -17.85
C VAL A 249 2.07 -10.21 -17.48
N LEU A 250 2.16 -10.57 -16.20
CA LEU A 250 1.79 -11.90 -15.75
C LEU A 250 0.63 -11.86 -14.77
N PRO A 251 -0.24 -12.89 -14.79
CA PRO A 251 -0.36 -14.05 -15.69
C PRO A 251 -0.45 -13.59 -17.13
N GLY A 252 -0.90 -12.36 -17.31
CA GLY A 252 -1.03 -11.82 -18.65
C GLY A 252 -2.42 -11.94 -19.19
N LEU A 253 -2.51 -11.99 -20.51
CA LEU A 253 -3.79 -12.13 -21.21
C LEU A 253 -4.44 -13.47 -20.97
N ARG A 254 -5.75 -13.50 -21.12
CA ARG A 254 -6.50 -14.70 -20.77
C ARG A 254 -7.25 -15.20 -21.99
N VAL A 255 -7.13 -16.50 -22.27
CA VAL A 255 -7.68 -17.10 -23.48
C VAL A 255 -8.79 -18.11 -23.20
N GLU A 256 -9.70 -18.30 -24.16
CA GLU A 256 -10.81 -19.26 -24.04
C GLU A 256 -10.53 -20.58 -24.76
N LYS A 257 -10.53 -20.56 -26.09
CA LYS A 257 -10.00 -21.69 -26.89
C LYS A 257 -10.61 -23.13 -26.80
N GLN A 258 -11.92 -23.27 -26.98
CA GLN A 258 -12.90 -22.22 -26.72
C GLN A 258 -13.51 -22.48 -25.34
N GLY A 259 -13.28 -23.69 -24.82
CA GLY A 259 -13.79 -24.06 -23.50
C GLY A 259 -12.76 -24.20 -22.40
N LYS A 260 -11.48 -24.22 -22.77
CA LYS A 260 -10.40 -24.44 -21.80
C LYS A 260 -9.56 -23.18 -21.56
N VAL A 261 -9.73 -22.59 -20.38
CA VAL A 261 -9.16 -21.29 -20.07
C VAL A 261 -7.66 -21.37 -19.74
N SER A 262 -6.84 -20.58 -20.44
CA SER A 262 -5.42 -20.45 -20.14
C SER A 262 -5.00 -18.97 -20.07
N TYR A 263 -3.72 -18.71 -19.78
CA TYR A 263 -3.22 -17.34 -19.73
C TYR A 263 -1.93 -17.22 -20.53
N GLU A 264 -1.86 -16.19 -21.36
CA GLU A 264 -0.64 -15.85 -22.07
C GLU A 264 0.03 -14.55 -21.58
N PRO A 265 1.32 -14.61 -21.27
CA PRO A 265 1.96 -13.34 -20.94
C PRO A 265 1.69 -12.26 -21.97
N ILE A 266 1.68 -11.01 -21.54
CA ILE A 266 1.50 -9.88 -22.44
C ILE A 266 2.81 -9.15 -22.56
N PHE A 267 3.31 -9.05 -23.78
CA PHE A 267 4.61 -8.46 -24.00
C PHE A 267 4.48 -7.07 -24.59
N THR A 268 5.26 -6.15 -24.06
CA THR A 268 5.28 -4.82 -24.61
C THR A 268 6.52 -4.10 -24.11
N LYS A 269 6.69 -2.85 -24.53
CA LYS A 269 7.87 -2.07 -24.21
C LYS A 269 7.41 -0.90 -23.36
N ILE A 270 8.26 -0.39 -22.48
CA ILE A 270 7.94 0.78 -21.68
C ILE A 270 8.16 2.06 -22.51
N SER A 271 7.11 2.82 -22.77
CA SER A 271 7.22 4.07 -23.51
C SER A 271 7.57 5.28 -22.66
N SER A 272 7.08 5.29 -21.42
CA SER A 272 7.32 6.41 -20.53
C SER A 272 7.06 6.05 -19.07
N ILE A 273 7.66 6.81 -18.15
CA ILE A 273 7.48 6.59 -16.73
C ILE A 273 7.09 7.90 -16.05
N ARG A 274 5.95 7.95 -15.36
CA ARG A 274 5.53 9.16 -14.65
C ARG A 274 5.28 8.93 -13.18
N PHE A 275 5.76 9.86 -12.35
CA PHE A 275 5.45 9.90 -10.94
C PHE A 275 4.78 11.23 -10.67
N GLY A 276 3.50 11.22 -10.32
CA GLY A 276 2.74 12.46 -10.34
C GLY A 276 2.62 12.96 -11.77
N ASP A 277 2.82 14.26 -11.99
CA ASP A 277 2.91 14.77 -13.36
C ASP A 277 4.35 14.96 -13.82
N GLU A 278 5.30 14.53 -13.00
CA GLU A 278 6.70 14.41 -13.38
C GLU A 278 7.00 13.18 -14.25
N GLU A 279 7.60 13.39 -15.41
CA GLU A 279 8.17 12.28 -16.17
C GLU A 279 9.58 11.93 -15.68
N PHE A 280 9.94 10.65 -15.75
CA PHE A 280 11.30 10.23 -15.42
C PHE A 280 11.83 9.24 -16.45
N LYS A 281 13.08 8.83 -16.31
CA LYS A 281 13.59 7.81 -17.21
C LYS A 281 13.71 6.41 -16.58
N GLU A 282 13.52 6.35 -15.27
CA GLU A 282 13.65 5.10 -14.51
C GLU A 282 12.56 5.07 -13.44
N ALA A 283 12.24 3.89 -12.95
CA ALA A 283 11.29 3.79 -11.86
C ALA A 283 11.81 2.82 -10.81
N LYS A 284 11.99 3.30 -9.60
CA LYS A 284 12.41 2.45 -8.51
C LYS A 284 11.23 2.19 -7.60
N PRO A 285 11.45 1.43 -6.53
CA PRO A 285 10.39 1.26 -5.53
C PRO A 285 10.03 2.58 -4.86
N GLY A 286 8.84 2.62 -4.27
CA GLY A 286 8.32 3.80 -3.61
C GLY A 286 7.45 4.62 -4.55
N GLY A 287 6.37 5.15 -4.01
CA GLY A 287 5.44 5.92 -4.82
C GLY A 287 4.68 5.06 -5.81
N LEU A 288 3.71 5.67 -6.48
CA LEU A 288 2.90 4.99 -7.45
C LEU A 288 3.27 5.51 -8.81
N VAL A 289 3.63 4.62 -9.72
CA VAL A 289 4.15 5.03 -11.00
C VAL A 289 3.14 4.72 -12.09
N ALA A 290 3.18 5.51 -13.15
CA ALA A 290 2.34 5.29 -14.29
C ALA A 290 3.22 4.97 -15.48
N ILE A 291 3.12 3.74 -15.97
CA ILE A 291 4.00 3.23 -17.01
C ILE A 291 3.23 3.24 -18.31
N GLY A 292 3.71 4.03 -19.27
CA GLY A 292 3.11 3.99 -20.60
C GLY A 292 3.63 2.79 -21.36
N THR A 293 2.81 2.20 -22.21
CA THR A 293 3.25 1.07 -23.00
C THR A 293 2.87 1.22 -24.46
N TYR A 294 3.21 0.21 -25.25
CA TYR A 294 2.83 0.11 -26.66
C TYR A 294 1.62 -0.77 -26.83
N LEU A 295 1.02 -1.15 -25.70
CA LEU A 295 -0.17 -1.98 -25.66
C LEU A 295 -1.43 -1.35 -26.28
N ASP A 296 -2.16 -2.12 -27.07
CA ASP A 296 -3.48 -1.75 -27.51
C ASP A 296 -4.26 -1.39 -26.23
N PRO A 297 -4.80 -0.15 -26.16
CA PRO A 297 -5.47 0.41 -24.98
C PRO A 297 -6.60 -0.46 -24.45
N SER A 298 -7.25 -1.24 -25.32
CA SER A 298 -8.37 -2.04 -24.88
C SER A 298 -7.91 -3.09 -23.89
N LEU A 299 -6.61 -3.35 -23.89
CA LEU A 299 -6.00 -4.30 -22.97
C LEU A 299 -5.95 -3.74 -21.56
N THR A 300 -5.58 -2.46 -21.44
CA THR A 300 -5.46 -1.75 -20.17
C THR A 300 -6.69 -0.98 -19.74
N LYS A 301 -7.65 -0.78 -20.63
CA LYS A 301 -8.83 0.02 -20.30
C LYS A 301 -9.55 -0.47 -19.05
N ALA A 302 -10.03 0.48 -18.26
CA ALA A 302 -10.91 0.19 -17.11
C ALA A 302 -10.32 -0.81 -16.14
N ASP A 303 -9.02 -0.67 -15.86
CA ASP A 303 -8.34 -1.52 -14.90
C ASP A 303 -8.34 -2.99 -15.26
N ASN A 304 -8.39 -3.30 -16.55
CA ASN A 304 -8.41 -4.69 -16.98
C ASN A 304 -7.28 -5.48 -16.36
N LEU A 305 -6.14 -4.82 -16.23
CA LEU A 305 -4.92 -5.48 -15.78
C LEU A 305 -4.72 -5.49 -14.26
N LEU A 306 -5.69 -4.99 -13.51
CA LEU A 306 -5.51 -4.92 -12.06
C LEU A 306 -5.14 -6.27 -11.47
N GLY A 307 -4.12 -6.30 -10.62
CA GLY A 307 -3.68 -7.54 -9.99
C GLY A 307 -2.52 -8.26 -10.66
N SER A 308 -2.20 -7.84 -11.88
CA SER A 308 -1.07 -8.37 -12.61
C SER A 308 0.25 -7.99 -11.98
N ILE A 309 1.31 -8.70 -12.32
CA ILE A 309 2.65 -8.19 -12.04
C ILE A 309 3.33 -7.93 -13.37
N ILE A 310 4.33 -7.07 -13.34
CA ILE A 310 5.09 -6.76 -14.52
C ILE A 310 6.53 -7.09 -14.23
N THR A 311 7.16 -7.86 -15.12
CA THR A 311 8.60 -8.11 -15.01
C THR A 311 9.21 -7.74 -16.36
N LEU A 312 10.53 -7.84 -16.46
CA LEU A 312 11.22 -7.71 -17.74
C LEU A 312 10.88 -8.93 -18.58
N ALA A 313 10.97 -8.81 -19.90
CA ALA A 313 10.45 -9.85 -20.79
C ALA A 313 11.09 -11.21 -20.55
N ASP A 314 12.40 -11.21 -20.38
CA ASP A 314 13.17 -12.45 -20.28
C ASP A 314 13.31 -12.94 -18.85
N ALA A 315 12.59 -12.30 -17.92
CA ALA A 315 12.62 -12.73 -16.53
C ALA A 315 11.97 -14.09 -16.41
N GLU A 316 12.44 -14.90 -15.48
CA GLU A 316 11.81 -16.20 -15.23
C GLU A 316 10.92 -16.16 -13.99
N VAL A 317 9.62 -16.16 -14.23
CA VAL A 317 8.62 -16.01 -13.18
C VAL A 317 7.49 -17.03 -13.28
N PRO A 318 7.59 -18.10 -12.51
CA PRO A 318 6.55 -19.14 -12.52
C PRO A 318 5.16 -18.54 -12.40
N VAL A 319 4.23 -19.01 -13.23
CA VAL A 319 2.81 -18.72 -13.05
C VAL A 319 2.10 -20.00 -12.64
N LEU A 320 1.63 -20.08 -11.39
CA LEU A 320 1.11 -21.33 -10.86
C LEU A 320 -0.39 -21.32 -10.68
N TRP A 321 -1.03 -22.46 -10.96
CA TRP A 321 -2.45 -22.63 -10.70
C TRP A 321 -2.72 -23.39 -9.42
N ASN A 322 -1.66 -23.82 -8.74
CA ASN A 322 -1.75 -24.51 -7.45
C ASN A 322 -0.57 -24.05 -6.61
N ILE A 323 -0.77 -23.83 -5.31
CA ILE A 323 0.33 -23.32 -4.51
C ILE A 323 0.37 -23.92 -3.14
N ARG A 324 1.57 -23.98 -2.60
CA ARG A 324 1.81 -24.50 -1.27
C ARG A 324 2.11 -23.32 -0.35
N ILE A 325 1.29 -23.13 0.67
CA ILE A 325 1.48 -22.02 1.59
C ILE A 325 1.85 -22.47 3.01
N LYS A 326 3.00 -22.05 3.51
CA LYS A 326 3.29 -22.20 4.94
C LYS A 326 2.58 -21.06 5.69
N TYR A 327 1.62 -21.42 6.55
CA TYR A 327 0.66 -20.46 7.03
C TYR A 327 0.53 -20.44 8.56
N ASN A 328 0.20 -19.27 9.09
CA ASN A 328 -0.23 -19.12 10.46
C ASN A 328 -1.63 -18.58 10.51
N LEU A 329 -2.37 -18.92 11.55
CA LEU A 329 -3.70 -18.38 11.69
C LEU A 329 -3.82 -17.52 12.95
N LEU A 330 -4.84 -16.67 12.96
CA LEU A 330 -5.25 -15.96 14.15
C LEU A 330 -6.18 -16.86 14.92
N GLU A 331 -6.09 -16.87 16.24
CA GLU A 331 -7.01 -17.69 17.00
C GLU A 331 -8.43 -17.11 16.90
N ARG A 332 -8.53 -15.80 17.10
CA ARG A 332 -9.81 -15.12 17.01
C ARG A 332 -9.76 -13.97 16.00
N VAL A 333 -10.85 -13.80 15.26
CA VAL A 333 -11.03 -12.64 14.40
C VAL A 333 -12.05 -11.70 15.05
N VAL A 334 -11.85 -10.39 14.95
CA VAL A 334 -12.75 -9.41 15.61
C VAL A 334 -14.23 -9.66 15.32
N GLY A 335 -14.54 -10.04 14.09
CA GLY A 335 -15.85 -10.57 13.73
C GLY A 335 -17.06 -9.66 13.86
N ALA A 336 -18.11 -10.20 14.48
CA ALA A 336 -19.31 -9.43 14.80
C ALA A 336 -19.01 -8.55 16.01
N LYS A 337 -20.04 -7.97 16.63
CA LYS A 337 -19.82 -7.09 17.77
C LYS A 337 -18.94 -7.76 18.83
N GLU A 338 -18.85 -9.09 18.76
CA GLU A 338 -18.11 -9.90 19.71
C GLU A 338 -16.89 -10.56 19.06
N MET A 339 -15.89 -10.92 19.87
CA MET A 339 -14.76 -11.68 19.36
C MET A 339 -15.24 -12.98 18.71
N LEU A 340 -14.55 -13.40 17.65
CA LEU A 340 -14.88 -14.62 16.92
C LEU A 340 -13.68 -15.53 16.83
N LYS A 341 -13.90 -16.84 16.76
CA LYS A 341 -12.79 -17.77 16.62
C LYS A 341 -12.77 -18.40 15.24
N VAL A 342 -11.57 -18.59 14.70
CA VAL A 342 -11.38 -19.16 13.37
C VAL A 342 -11.21 -20.67 13.41
N ASP A 343 -12.07 -21.36 12.66
CA ASP A 343 -11.93 -22.79 12.46
C ASP A 343 -10.67 -23.07 11.65
N PRO A 344 -9.98 -24.17 11.98
CA PRO A 344 -8.83 -24.53 11.14
C PRO A 344 -9.27 -24.74 9.71
N ILE A 345 -8.32 -24.65 8.78
CA ILE A 345 -8.63 -24.84 7.37
C ILE A 345 -9.15 -26.26 7.20
N ARG A 346 -10.24 -26.40 6.46
CA ARG A 346 -10.82 -27.69 6.17
C ARG A 346 -10.66 -28.01 4.68
N ALA A 347 -10.44 -29.27 4.36
CA ALA A 347 -10.29 -29.65 2.97
C ALA A 347 -11.49 -29.18 2.13
N LYS A 348 -11.21 -28.75 0.91
CA LYS A 348 -12.25 -28.37 -0.07
C LYS A 348 -12.91 -27.03 0.17
N GLU A 349 -12.73 -26.47 1.35
CA GLU A 349 -13.33 -25.16 1.58
C GLU A 349 -12.59 -24.19 0.72
N THR A 350 -13.32 -23.25 0.13
CA THR A 350 -12.69 -22.26 -0.72
C THR A 350 -12.20 -21.05 0.08
N LEU A 351 -11.05 -20.51 -0.32
CA LEU A 351 -10.41 -19.40 0.38
C LEU A 351 -10.06 -18.26 -0.57
N MET A 352 -9.75 -17.09 0.01
CA MET A 352 -9.25 -15.99 -0.79
C MET A 352 -7.80 -15.71 -0.46
N LEU A 353 -6.97 -15.72 -1.48
CA LEU A 353 -5.55 -15.49 -1.26
C LEU A 353 -5.21 -14.17 -1.90
N SER A 354 -4.47 -13.37 -1.17
CA SER A 354 -3.92 -12.14 -1.73
C SER A 354 -2.46 -12.42 -1.89
N VAL A 355 -2.00 -12.36 -3.12
CA VAL A 355 -0.59 -12.44 -3.40
C VAL A 355 -0.23 -11.15 -4.09
N GLY A 356 0.71 -10.41 -3.51
CA GLY A 356 1.04 -9.11 -4.06
C GLY A 356 -0.26 -8.32 -4.16
N SER A 357 -0.57 -7.89 -5.38
CA SER A 357 -1.76 -7.08 -5.62
C SER A 357 -2.92 -7.94 -6.13
N SER A 358 -2.65 -9.22 -6.30
CA SER A 358 -3.67 -10.19 -6.76
C SER A 358 -4.58 -10.56 -5.63
N THR A 359 -5.87 -10.54 -5.88
CA THR A 359 -6.76 -11.23 -4.98
C THR A 359 -7.48 -12.32 -5.78
N THR A 360 -7.15 -13.55 -5.46
CA THR A 360 -7.64 -14.65 -6.26
C THR A 360 -8.19 -15.77 -5.38
N LEU A 361 -9.13 -16.51 -5.92
CA LEU A 361 -9.90 -17.48 -5.14
C LEU A 361 -9.42 -18.92 -5.32
N GLY A 362 -9.48 -19.73 -4.27
CA GLY A 362 -9.01 -21.11 -4.38
C GLY A 362 -9.68 -22.16 -3.50
N ILE A 363 -9.55 -23.42 -3.89
CA ILE A 363 -10.11 -24.54 -3.13
C ILE A 363 -8.97 -25.27 -2.45
N VAL A 364 -9.07 -25.53 -1.15
CA VAL A 364 -7.94 -26.11 -0.45
C VAL A 364 -7.84 -27.60 -0.73
N THR A 365 -6.76 -28.04 -1.38
CA THR A 365 -6.62 -29.46 -1.70
C THR A 365 -5.82 -30.28 -0.70
N SER A 366 -5.06 -29.63 0.17
CA SER A 366 -4.41 -30.37 1.24
C SER A 366 -4.17 -29.50 2.45
N VAL A 367 -4.34 -30.07 3.64
CA VAL A 367 -4.14 -29.29 4.85
C VAL A 367 -3.35 -30.05 5.88
N LYS A 368 -2.35 -29.38 6.42
CA LYS A 368 -1.53 -29.90 7.50
C LYS A 368 -1.40 -28.80 8.54
N LYS A 369 -0.50 -28.97 9.50
CA LYS A 369 -0.42 -28.01 10.60
C LYS A 369 0.11 -26.69 10.05
N ASP A 370 1.34 -26.71 9.53
CA ASP A 370 1.98 -25.53 8.97
C ASP A 370 1.83 -25.28 7.47
N GLU A 371 1.27 -26.22 6.71
CA GLU A 371 1.14 -25.98 5.26
C GLU A 371 -0.21 -26.31 4.70
N ILE A 372 -0.56 -25.65 3.61
CA ILE A 372 -1.76 -26.00 2.86
C ILE A 372 -1.49 -25.90 1.36
N GLU A 373 -2.37 -26.48 0.57
CA GLU A 373 -2.19 -26.45 -0.85
C GLU A 373 -3.52 -26.03 -1.43
N VAL A 374 -3.51 -25.09 -2.36
CA VAL A 374 -4.79 -24.71 -2.93
C VAL A 374 -4.77 -24.76 -4.45
N GLU A 375 -5.93 -25.11 -4.99
CA GLU A 375 -6.20 -25.06 -6.40
C GLU A 375 -6.73 -23.66 -6.66
N LEU A 376 -6.12 -22.93 -7.59
CA LEU A 376 -6.52 -21.55 -7.81
C LEU A 376 -7.49 -21.40 -8.96
N ARG A 377 -8.44 -20.50 -8.81
CA ARG A 377 -9.38 -20.20 -9.88
C ARG A 377 -8.67 -19.46 -11.00
N ARG A 378 -7.59 -18.77 -10.64
CA ARG A 378 -6.81 -17.99 -11.57
C ARG A 378 -5.37 -18.11 -11.15
N PRO A 379 -4.45 -18.22 -12.11
CA PRO A 379 -3.05 -18.44 -11.73
C PRO A 379 -2.45 -17.17 -11.14
N VAL A 380 -1.40 -17.32 -10.34
CA VAL A 380 -0.68 -16.17 -9.78
C VAL A 380 0.78 -16.23 -10.16
N ALA A 381 1.37 -15.07 -10.45
CA ALA A 381 2.79 -14.99 -10.73
C ALA A 381 3.51 -14.99 -9.42
N VAL A 382 4.43 -15.93 -9.22
CA VAL A 382 5.21 -15.99 -7.99
C VAL A 382 6.64 -15.63 -8.31
N TRP A 383 7.04 -14.41 -7.97
CA TRP A 383 8.32 -13.84 -8.45
C TRP A 383 9.47 -14.14 -7.51
N SER A 384 9.17 -14.93 -6.48
CA SER A 384 10.13 -15.29 -5.44
C SER A 384 9.43 -16.15 -4.41
N ASN A 385 10.19 -16.84 -3.58
CA ASN A 385 9.56 -17.64 -2.54
C ASN A 385 9.17 -16.86 -1.29
N ASN A 386 9.87 -15.79 -1.00
CA ASN A 386 9.58 -15.06 0.23
C ASN A 386 8.12 -14.59 0.28
N ILE A 387 7.43 -14.70 -0.85
CA ILE A 387 6.17 -13.97 -1.03
C ILE A 387 5.16 -14.22 0.07
N ARG A 388 4.69 -13.13 0.68
CA ARG A 388 3.70 -13.22 1.73
C ARG A 388 2.33 -13.21 1.11
N THR A 389 1.43 -13.99 1.70
CA THR A 389 0.07 -14.05 1.23
C THR A 389 -0.81 -13.92 2.46
N VAL A 390 -2.04 -13.46 2.24
CA VAL A 390 -2.97 -13.23 3.31
C VAL A 390 -4.18 -14.10 3.09
N ILE A 391 -4.39 -15.08 3.96
CA ILE A 391 -5.52 -15.97 3.76
C ILE A 391 -6.77 -15.34 4.37
N SER A 392 -7.87 -15.39 3.64
CA SER A 392 -9.12 -14.84 4.11
C SER A 392 -10.26 -15.81 3.83
N ARG A 393 -11.26 -15.80 4.71
CA ARG A 393 -12.37 -16.73 4.61
C ARG A 393 -13.68 -15.98 4.50
N GLN A 394 -14.73 -16.70 4.11
CA GLN A 394 -16.05 -16.10 4.02
C GLN A 394 -16.72 -16.31 5.37
N ILE A 395 -16.83 -15.22 6.13
CA ILE A 395 -17.46 -15.25 7.44
C ILE A 395 -18.57 -14.24 7.46
N ALA A 396 -19.81 -14.72 7.57
CA ALA A 396 -20.95 -13.83 7.58
C ALA A 396 -20.96 -12.98 6.33
N GLY A 397 -21.08 -13.63 5.18
CA GLY A 397 -21.40 -12.93 3.95
C GLY A 397 -20.29 -12.00 3.47
N ARG A 398 -19.26 -11.84 4.31
CA ARG A 398 -18.14 -10.97 3.98
C ARG A 398 -16.78 -11.61 4.24
N TRP A 399 -15.90 -11.47 3.26
CA TRP A 399 -14.56 -12.04 3.32
C TRP A 399 -13.75 -11.41 4.43
N ARG A 400 -13.16 -12.23 5.29
CA ARG A 400 -12.38 -11.66 6.40
C ARG A 400 -11.09 -12.42 6.74
N MET A 401 -10.00 -11.67 6.90
CA MET A 401 -8.70 -12.27 7.10
C MET A 401 -8.69 -13.20 8.30
N ILE A 402 -8.39 -14.47 8.05
CA ILE A 402 -8.15 -15.43 9.12
C ILE A 402 -6.68 -15.75 9.39
N GLY A 403 -5.78 -15.20 8.57
CA GLY A 403 -4.36 -15.39 8.81
C GLY A 403 -3.47 -15.11 7.62
N TRP A 404 -2.18 -15.36 7.79
CA TRP A 404 -1.22 -15.07 6.72
C TRP A 404 -0.28 -16.24 6.46
N GLY A 405 0.48 -16.16 5.38
CA GLY A 405 1.47 -17.18 5.15
C GLY A 405 2.39 -16.90 3.99
N LEU A 406 3.40 -17.77 3.84
CA LEU A 406 4.36 -17.68 2.76
C LEU A 406 4.13 -18.69 1.64
N VAL A 407 4.03 -18.20 0.40
CA VAL A 407 3.97 -19.09 -0.76
C VAL A 407 5.30 -19.81 -0.97
N GLU A 408 5.27 -21.14 -1.08
CA GLU A 408 6.49 -21.91 -1.23
C GLU A 408 6.69 -22.55 -2.60
N ILE A 409 7.91 -22.44 -3.11
CA ILE A 409 8.22 -23.04 -4.39
C ILE A 409 9.58 -23.72 -4.37
#